data_4LGH
#
_entry.id   4LGH
#
_cell.length_a   42.264
_cell.length_b   62.654
_cell.length_c   74.325
_cell.angle_alpha   100.38
_cell.angle_beta   91.01
_cell.angle_gamma   90.07
#
_symmetry.space_group_name_H-M   'P 1'
#
loop_
_entity.id
_entity.type
_entity.pdbx_description
1 polymer 'Proto-oncogene tyrosine-protein kinase Src'
2 non-polymer 1-tert-butyl-3-(naphthalen-1-ylmethyl)-1H-pyrazolo[3,4-d]pyrimidin-4-amine
3 water water
#
_entity_poly.entity_id   1
_entity_poly.type   'polypeptide(L)'
_entity_poly.pdbx_seq_one_letter_code
;KDAWEIPRESLRLEVKLGQGCFGEVWMGTWNGTTRVAIKTLKPGTMSPEAFLQEAQVMKKLRHEKLVQLYAVVSEEPIYI
VGEYMSKGSLLDFLKGEMGKYLRLPQLVDMAAQIASGMAYVERMNYVHRDLRAANILVGENLVCKVADFGLARLIEDNEY
TARQGAKFPIKWTAPEAALYGRFTIKSDVWSFGILLTELTTKGRVPYPGMVNREVLDQVERGYRMPCPPECPESLHDLMC
QCWRKDPEERPTFEYLQAFLEDYFTSTEPQYQPGENL
;
_entity_poly.pdbx_strand_id   A,B
#
loop_
_chem_comp.id
_chem_comp.type
_chem_comp.name
_chem_comp.formula
0JN non-polymer 1-tert-butyl-3-(naphthalen-1-ylmethyl)-1H-pyrazolo[3,4-d]pyrimidin-4-amine 'C20 H21 N5'
#
# COMPACT_ATOMS: atom_id res chain seq x y z
N LYS A 1 28.03 33.75 -2.11
CA LYS A 1 27.57 33.32 -0.79
C LYS A 1 26.08 33.61 -0.57
N ASP A 2 25.38 32.66 0.02
CA ASP A 2 24.00 32.88 0.44
C ASP A 2 23.80 32.66 1.94
N ALA A 3 22.54 32.57 2.38
CA ALA A 3 22.23 32.49 3.81
C ALA A 3 22.56 31.15 4.44
N TRP A 4 23.02 30.19 3.63
CA TRP A 4 23.45 28.90 4.15
C TRP A 4 24.89 28.96 4.68
N GLU A 5 25.59 30.04 4.33
CA GLU A 5 26.98 30.23 4.77
C GLU A 5 27.07 30.51 6.28
N ILE A 6 28.08 29.91 6.92
CA ILE A 6 28.29 30.06 8.36
C ILE A 6 29.79 30.23 8.63
N PRO A 7 30.16 30.67 9.84
CA PRO A 7 31.60 30.72 10.14
C PRO A 7 32.14 29.33 10.43
N ARG A 8 33.31 28.99 9.86
CA ARG A 8 33.97 27.73 10.15
C ARG A 8 34.33 27.66 11.63
N GLU A 9 34.50 28.83 12.24
CA GLU A 9 34.79 28.93 13.67
C GLU A 9 33.61 28.45 14.52
N SER A 10 32.41 28.46 13.94
CA SER A 10 31.20 28.08 14.66
C SER A 10 31.06 26.55 14.80
N LEU A 11 32.00 25.81 14.22
CA LEU A 11 31.92 24.35 14.24
C LEU A 11 33.11 23.69 14.93
N ARG A 12 32.82 22.79 15.86
CA ARG A 12 33.86 22.00 16.53
C ARG A 12 33.83 20.56 16.05
N LEU A 13 34.97 20.08 15.55
CA LEU A 13 35.10 18.68 15.14
C LEU A 13 35.41 17.80 16.36
N GLU A 14 35.12 16.51 16.24
CA GLU A 14 35.40 15.57 17.33
C GLU A 14 35.89 14.23 16.78
N VAL A 15 34.96 13.44 16.25
CA VAL A 15 35.27 12.10 15.76
C VAL A 15 35.20 12.03 14.24
N LYS A 16 36.28 11.55 13.62
CA LYS A 16 36.26 11.26 12.19
C LYS A 16 35.44 10.00 11.98
N LEU A 17 34.67 9.95 10.90
CA LEU A 17 33.78 8.83 10.65
C LEU A 17 34.26 7.98 9.47
N GLY A 18 34.64 8.65 8.39
CA GLY A 18 35.14 7.95 7.21
C GLY A 18 35.97 8.85 6.31
N GLN A 19 36.53 8.27 5.26
CA GLN A 19 37.30 9.01 4.27
C GLN A 19 36.91 8.57 2.87
N GLY A 20 37.64 9.06 1.87
CA GLY A 20 37.37 8.73 0.49
C GLY A 20 38.07 9.67 -0.48
N GLY A 23 37.90 13.23 0.20
CA GLY A 23 37.24 13.94 1.29
C GLY A 23 37.18 13.12 2.56
N GLU A 24 36.63 13.71 3.62
CA GLU A 24 36.49 13.03 4.90
C GLU A 24 35.23 13.50 5.61
N VAL A 25 34.52 12.57 6.26
CA VAL A 25 33.30 12.92 6.97
C VAL A 25 33.49 12.94 8.49
N TRP A 26 33.12 14.06 9.11
CA TRP A 26 33.35 14.25 10.54
C TRP A 26 32.06 14.38 11.35
N MET A 27 32.15 14.00 12.63
CA MET A 27 31.09 14.28 13.58
C MET A 27 31.57 15.45 14.44
N GLY A 28 30.63 16.27 14.93
CA GLY A 28 31.01 17.39 15.77
C GLY A 28 29.84 18.19 16.32
N THR A 29 30.14 19.41 16.75
CA THR A 29 29.14 20.27 17.34
C THR A 29 29.06 21.63 16.63
N TRP A 30 27.85 22.14 16.49
CA TRP A 30 27.61 23.43 15.84
C TRP A 30 26.93 24.39 16.80
N ASN A 31 27.43 25.62 16.87
CA ASN A 31 27.01 26.60 17.88
C ASN A 31 27.13 26.05 19.30
N GLY A 32 28.16 25.24 19.51
CA GLY A 32 28.38 24.60 20.79
C GLY A 32 27.27 23.61 21.15
N THR A 34 24.38 22.06 19.09
CA THR A 34 23.73 20.95 18.41
C THR A 34 24.76 20.00 17.81
N ARG A 35 24.46 18.71 17.82
CA ARG A 35 25.33 17.72 17.21
C ARG A 35 25.04 17.58 15.72
N VAL A 36 26.10 17.59 14.91
CA VAL A 36 25.96 17.53 13.46
C VAL A 36 26.98 16.61 12.82
N ALA A 37 26.91 16.45 11.50
CA ALA A 37 27.94 15.76 10.75
C ALA A 37 28.56 16.72 9.73
N ILE A 38 29.89 16.74 9.66
CA ILE A 38 30.58 17.61 8.71
C ILE A 38 31.23 16.79 7.58
N LYS A 39 30.92 17.17 6.35
CA LYS A 39 31.50 16.52 5.18
C LYS A 39 32.51 17.49 4.54
N THR A 40 33.80 17.15 4.60
CA THR A 40 34.85 18.07 4.16
C THR A 40 35.23 17.91 2.70
N LEU A 41 36.32 18.57 2.30
CA LEU A 41 36.82 18.50 0.93
C LEU A 41 38.29 18.12 0.90
N GLU A 54 28.17 22.69 -5.19
CA GLU A 54 28.15 21.35 -4.59
C GLU A 54 26.73 20.85 -4.42
N ALA A 55 26.36 20.64 -3.15
CA ALA A 55 25.02 20.17 -2.81
C ALA A 55 24.03 21.33 -2.74
N GLN A 56 23.88 22.03 -3.86
CA GLN A 56 22.85 23.06 -3.99
C GLN A 56 21.49 22.39 -4.14
N VAL A 57 21.52 21.08 -4.39
CA VAL A 57 20.33 20.26 -4.54
C VAL A 57 19.63 20.07 -3.19
N MET A 58 20.41 20.06 -2.12
CA MET A 58 19.87 19.86 -0.78
C MET A 58 19.22 21.13 -0.22
N LYS A 59 19.43 22.25 -0.91
CA LYS A 59 18.88 23.53 -0.47
C LYS A 59 17.38 23.63 -0.80
N LYS A 60 17.00 23.15 -1.96
CA LYS A 60 15.61 23.16 -2.39
C LYS A 60 14.82 22.03 -1.73
N LEU A 61 15.52 20.98 -1.32
CA LEU A 61 14.88 19.80 -0.76
C LEU A 61 14.86 19.82 0.77
N ARG A 62 13.65 19.73 1.33
CA ARG A 62 13.47 19.72 2.78
C ARG A 62 12.32 18.80 3.17
N HIS A 63 12.63 17.51 3.36
CA HIS A 63 11.64 16.51 3.76
C HIS A 63 12.12 15.78 5.01
N GLU A 64 11.20 15.20 5.77
CA GLU A 64 11.56 14.57 7.04
C GLU A 64 12.18 13.19 6.89
N LYS A 65 12.14 12.64 5.69
CA LYS A 65 12.83 11.37 5.42
C LYS A 65 14.06 11.61 4.55
N LEU A 66 14.44 12.88 4.42
CA LEU A 66 15.70 13.24 3.77
C LEU A 66 16.65 13.83 4.81
N VAL A 67 17.93 13.45 4.74
CA VAL A 67 18.93 13.99 5.65
C VAL A 67 19.03 15.50 5.49
N GLN A 68 18.67 16.22 6.55
CA GLN A 68 18.57 17.69 6.51
C GLN A 68 19.92 18.37 6.34
N LEU A 69 20.02 19.25 5.35
CA LEU A 69 21.18 20.12 5.20
C LEU A 69 21.06 21.28 6.18
N TYR A 70 22.09 21.49 6.99
CA TYR A 70 22.08 22.55 7.99
C TYR A 70 22.81 23.80 7.48
N ALA A 71 24.02 23.61 6.97
CA ALA A 71 24.87 24.73 6.60
C ALA A 71 25.91 24.36 5.55
N VAL A 72 26.82 25.30 5.31
CA VAL A 72 27.94 25.10 4.38
C VAL A 72 28.98 26.22 4.57
N VAL A 73 30.24 25.83 4.73
CA VAL A 73 31.35 26.78 4.70
C VAL A 73 31.84 26.88 3.26
N SER A 74 31.71 28.08 2.67
CA SER A 74 31.88 28.24 1.23
C SER A 74 33.26 28.72 0.79
N GLU A 75 34.31 28.27 1.49
CA GLU A 75 35.68 28.55 1.08
C GLU A 75 36.60 27.42 1.54
N GLU A 76 37.60 27.10 0.70
CA GLU A 76 38.52 26.01 1.00
C GLU A 76 39.20 26.12 2.36
N PRO A 77 39.14 25.03 3.15
CA PRO A 77 38.45 23.79 2.80
C PRO A 77 36.95 23.87 3.07
N ILE A 78 36.15 23.26 2.20
CA ILE A 78 34.70 23.32 2.31
C ILE A 78 34.15 22.39 3.41
N TYR A 79 33.32 22.93 4.29
CA TYR A 79 32.58 22.12 5.26
C TYR A 79 31.08 22.19 4.93
N ILE A 80 30.46 21.05 4.63
CA ILE A 80 29.00 21.01 4.55
C ILE A 80 28.42 20.28 5.77
N VAL A 81 27.49 20.96 6.45
CA VAL A 81 26.98 20.50 7.73
C VAL A 81 25.54 20.01 7.61
N GLY A 82 25.28 18.79 8.08
CA GLY A 82 23.94 18.24 8.05
C GLY A 82 23.58 17.53 9.35
N GLU A 83 22.41 16.89 9.39
CA GLU A 83 22.00 16.15 10.57
C GLU A 83 22.73 14.82 10.71
N TYR A 84 23.22 14.54 11.91
CA TYR A 84 23.94 13.32 12.20
C TYR A 84 23.00 12.12 12.33
N MET A 85 23.11 11.19 11.39
CA MET A 85 22.37 9.93 11.47
C MET A 85 23.25 8.90 12.17
N SER A 86 22.81 8.43 13.34
CA SER A 86 23.68 7.74 14.29
C SER A 86 24.12 6.31 13.96
N LYS A 87 23.52 5.69 12.95
CA LYS A 87 23.84 4.28 12.66
C LYS A 87 24.58 4.08 11.33
N GLY A 88 24.97 5.19 10.69
CA GLY A 88 25.66 5.11 9.41
C GLY A 88 24.75 4.62 8.31
N SER A 89 25.32 3.99 7.28
CA SER A 89 24.54 3.53 6.13
C SER A 89 23.54 2.42 6.51
N LEU A 90 22.50 2.28 5.71
CA LEU A 90 21.52 1.20 5.88
C LEU A 90 22.20 -0.14 5.63
N LEU A 91 23.14 -0.16 4.70
CA LEU A 91 23.89 -1.38 4.36
C LEU A 91 24.72 -1.89 5.53
N ASP A 92 25.51 -1.01 6.14
CA ASP A 92 26.29 -1.37 7.32
C ASP A 92 25.38 -1.79 8.47
N PHE A 93 24.18 -1.21 8.53
CA PHE A 93 23.22 -1.48 9.58
C PHE A 93 22.58 -2.87 9.42
N LEU A 94 22.47 -3.34 8.19
CA LEU A 94 21.90 -4.65 7.90
C LEU A 94 22.95 -5.74 8.02
N LYS A 95 24.18 -5.41 7.63
CA LYS A 95 25.29 -6.35 7.68
C LYS A 95 25.83 -6.48 9.11
N GLY A 96 25.24 -5.73 10.03
CA GLY A 96 25.69 -5.70 11.41
C GLY A 96 24.89 -6.58 12.36
N GLU A 97 25.02 -6.30 13.66
CA GLU A 97 24.39 -7.11 14.70
C GLU A 97 22.86 -7.06 14.67
N MET A 98 22.31 -6.00 14.05
CA MET A 98 20.87 -5.81 14.03
C MET A 98 20.11 -6.64 13.00
N GLY A 99 20.71 -6.82 11.82
CA GLY A 99 20.09 -7.58 10.75
C GLY A 99 19.67 -8.98 11.14
N LYS A 100 20.29 -9.53 12.18
CA LYS A 100 19.94 -10.84 12.71
C LYS A 100 18.53 -10.82 13.31
N TYR A 101 18.13 -9.68 13.87
CA TYR A 101 16.85 -9.59 14.57
C TYR A 101 15.75 -8.99 13.70
N LEU A 102 16.15 -8.17 12.73
CA LEU A 102 15.19 -7.52 11.83
C LEU A 102 14.33 -8.52 11.07
N ARG A 103 13.01 -8.31 11.11
CA ARG A 103 12.08 -9.12 10.34
C ARG A 103 11.32 -8.24 9.34
N LEU A 104 10.47 -8.88 8.53
CA LEU A 104 9.75 -8.17 7.46
C LEU A 104 9.04 -6.87 7.87
N PRO A 105 8.29 -6.86 9.00
CA PRO A 105 7.68 -5.60 9.41
C PRO A 105 8.68 -4.47 9.62
N GLN A 106 9.86 -4.79 10.16
CA GLN A 106 10.91 -3.79 10.34
C GLN A 106 11.50 -3.33 9.00
N LEU A 107 11.57 -4.24 8.04
CA LEU A 107 12.15 -3.92 6.73
C LEU A 107 11.17 -3.17 5.82
N VAL A 108 9.91 -3.59 5.82
CA VAL A 108 8.87 -2.90 5.06
C VAL A 108 8.69 -1.49 5.61
N ASP A 109 8.82 -1.34 6.93
CA ASP A 109 8.85 -0.04 7.58
C ASP A 109 9.96 0.81 6.96
N MET A 110 11.18 0.28 6.95
CA MET A 110 12.33 1.00 6.40
C MET A 110 12.16 1.33 4.92
N ALA A 111 11.65 0.39 4.14
CA ALA A 111 11.39 0.61 2.73
C ALA A 111 10.38 1.73 2.51
N ALA A 112 9.41 1.84 3.42
CA ALA A 112 8.36 2.85 3.31
C ALA A 112 8.86 4.27 3.62
N GLN A 113 9.78 4.40 4.57
CA GLN A 113 10.37 5.70 4.88
C GLN A 113 11.19 6.18 3.68
N ILE A 114 11.90 5.24 3.06
CA ILE A 114 12.70 5.55 1.87
C ILE A 114 11.81 5.97 0.70
N ALA A 115 10.74 5.22 0.48
CA ALA A 115 9.78 5.55 -0.57
C ALA A 115 9.08 6.88 -0.28
N SER A 116 8.91 7.20 1.00
CA SER A 116 8.31 8.46 1.41
C SER A 116 9.21 9.62 1.00
N GLY A 117 10.52 9.43 1.16
CA GLY A 117 11.47 10.46 0.79
C GLY A 117 11.57 10.65 -0.71
N MET A 118 11.54 9.53 -1.43
CA MET A 118 11.66 9.55 -2.89
C MET A 118 10.36 10.00 -3.57
N ALA A 119 9.26 9.99 -2.83
CA ALA A 119 8.00 10.48 -3.36
C ALA A 119 7.97 12.01 -3.26
N TYR A 120 8.67 12.55 -2.28
CA TYR A 120 8.91 13.98 -2.18
C TYR A 120 9.81 14.41 -3.34
N VAL A 121 10.88 13.66 -3.57
CA VAL A 121 11.79 13.88 -4.68
C VAL A 121 11.03 13.83 -6.01
N GLU A 122 10.10 12.88 -6.09
CA GLU A 122 9.26 12.70 -7.27
C GLU A 122 8.39 13.94 -7.51
N ARG A 123 7.76 14.45 -6.46
CA ARG A 123 6.94 15.67 -6.55
C ARG A 123 7.77 16.88 -6.95
N MET A 124 8.95 17.00 -6.37
CA MET A 124 9.84 18.13 -6.64
C MET A 124 10.47 18.05 -8.03
N ASN A 125 10.12 17.02 -8.78
CA ASN A 125 10.69 16.78 -10.11
C ASN A 125 12.22 16.63 -10.12
N TYR A 126 12.75 15.99 -9.09
CA TYR A 126 14.19 15.70 -9.03
C TYR A 126 14.47 14.23 -9.31
N VAL A 127 15.74 13.91 -9.50
CA VAL A 127 16.18 12.54 -9.70
C VAL A 127 17.39 12.23 -8.81
N HIS A 128 17.32 11.13 -8.08
CA HIS A 128 18.42 10.70 -7.24
C HIS A 128 19.16 9.59 -7.98
N ARG A 129 20.19 9.98 -8.73
CA ARG A 129 20.86 9.09 -9.68
C ARG A 129 21.43 7.78 -9.10
N ASP A 130 21.84 7.81 -7.84
CA ASP A 130 22.40 6.61 -7.22
C ASP A 130 21.62 6.19 -5.98
N LEU A 131 20.51 5.47 -6.19
CA LEU A 131 19.65 5.04 -5.08
C LEU A 131 19.91 3.60 -4.63
N ARG A 132 20.55 3.46 -3.46
CA ARG A 132 20.83 2.15 -2.88
C ARG A 132 21.13 2.22 -1.37
N ALA A 133 21.20 1.07 -0.72
CA ALA A 133 21.30 1.01 0.75
C ALA A 133 22.58 1.63 1.34
N ALA A 134 23.61 1.78 0.52
CA ALA A 134 24.82 2.46 0.97
C ALA A 134 24.56 3.94 1.13
N ASN A 135 23.53 4.43 0.43
CA ASN A 135 23.20 5.85 0.45
C ASN A 135 21.97 6.17 1.29
N ILE A 136 21.48 5.18 2.04
CA ILE A 136 20.43 5.41 3.01
C ILE A 136 21.08 5.46 4.39
N LEU A 137 20.73 6.48 5.19
CA LEU A 137 21.30 6.62 6.53
C LEU A 137 20.27 6.30 7.61
N VAL A 138 20.73 5.59 8.66
CA VAL A 138 19.85 5.16 9.73
C VAL A 138 20.16 5.91 11.02
N GLY A 139 19.10 6.24 11.77
CA GLY A 139 19.26 6.87 13.06
C GLY A 139 18.66 6.00 14.16
N GLU A 140 17.92 6.62 15.08
CA GLU A 140 17.30 5.89 16.18
C GLU A 140 15.85 5.54 15.86
N ASN A 141 15.39 4.41 16.40
CA ASN A 141 14.02 3.93 16.16
C ASN A 141 13.73 3.64 14.68
N LEU A 142 14.66 2.94 14.04
CA LEU A 142 14.56 2.56 12.62
C LEU A 142 14.22 3.73 11.69
N VAL A 143 14.79 4.90 11.99
CA VAL A 143 14.63 6.05 11.09
C VAL A 143 15.62 5.95 9.95
N CYS A 144 15.12 5.73 8.74
CA CYS A 144 15.98 5.68 7.56
C CYS A 144 15.75 6.92 6.72
N LYS A 145 16.83 7.56 6.29
CA LYS A 145 16.71 8.77 5.50
C LYS A 145 17.58 8.73 4.24
N VAL A 146 17.06 9.29 3.16
CA VAL A 146 17.75 9.31 1.88
C VAL A 146 18.84 10.38 1.87
N ALA A 147 20.01 10.06 1.30
CA ALA A 147 21.13 11.00 1.27
C ALA A 147 22.09 10.75 0.10
N ASP A 148 23.15 11.56 0.07
CA ASP A 148 24.21 11.45 -0.93
C ASP A 148 23.73 11.49 -2.38
N PHE A 149 23.26 12.67 -2.79
CA PHE A 149 22.77 12.89 -4.15
C PHE A 149 23.93 13.12 -5.11
N PRO A 169 27.60 0.91 -9.92
CA PRO A 169 26.17 0.83 -9.58
C PRO A 169 25.35 0.22 -10.72
N ILE A 170 26.00 -0.55 -11.57
CA ILE A 170 25.34 -1.16 -12.73
C ILE A 170 24.20 -2.11 -12.32
N LYS A 171 24.37 -2.76 -11.17
CA LYS A 171 23.34 -3.65 -10.63
C LYS A 171 22.11 -2.87 -10.17
N TRP A 172 22.34 -1.73 -9.53
CA TRP A 172 21.24 -0.90 -9.04
C TRP A 172 20.64 -0.01 -10.13
N THR A 173 21.33 0.12 -11.25
CA THR A 173 20.90 1.05 -12.30
C THR A 173 19.99 0.42 -13.36
N ALA A 174 18.97 1.17 -13.78
CA ALA A 174 18.07 0.77 -14.86
C ALA A 174 18.78 0.82 -16.20
N PRO A 175 18.45 -0.14 -17.09
CA PRO A 175 19.05 -0.26 -18.43
C PRO A 175 19.07 1.05 -19.22
N GLU A 176 17.92 1.73 -19.33
CA GLU A 176 17.84 2.98 -20.07
C GLU A 176 18.83 4.04 -19.56
N ALA A 177 19.18 3.95 -18.29
CA ALA A 177 20.14 4.88 -17.70
C ALA A 177 21.57 4.38 -17.88
N ALA A 178 21.77 3.07 -17.71
CA ALA A 178 23.10 2.49 -17.83
C ALA A 178 23.58 2.36 -19.28
N LEU A 179 22.65 2.47 -20.23
CA LEU A 179 22.99 2.32 -21.64
C LEU A 179 22.85 3.62 -22.43
N TYR A 180 21.70 4.28 -22.28
CA TYR A 180 21.38 5.45 -23.11
C TYR A 180 21.33 6.74 -22.29
N GLY A 181 21.53 6.62 -20.98
CA GLY A 181 21.62 7.79 -20.11
C GLY A 181 20.28 8.35 -19.70
N ARG A 182 19.20 7.62 -19.99
CA ARG A 182 17.86 8.08 -19.65
C ARG A 182 17.60 7.95 -18.15
N PHE A 183 18.15 8.88 -17.37
CA PHE A 183 17.91 8.91 -15.95
C PHE A 183 16.61 9.65 -15.62
N THR A 184 15.64 8.90 -15.11
CA THR A 184 14.37 9.47 -14.68
C THR A 184 14.07 9.03 -13.26
N ILE A 185 12.97 9.51 -12.71
CA ILE A 185 12.49 9.04 -11.42
C ILE A 185 12.09 7.56 -11.57
N LYS A 186 11.89 7.14 -12.82
CA LYS A 186 11.52 5.77 -13.14
C LYS A 186 12.72 4.83 -13.14
N SER A 187 13.91 5.40 -13.32
CA SER A 187 15.14 4.64 -13.16
C SER A 187 15.45 4.52 -11.67
N ASP A 188 14.92 5.46 -10.89
CA ASP A 188 15.04 5.39 -9.43
C ASP A 188 14.06 4.36 -8.85
N VAL A 189 12.89 4.23 -9.47
CA VAL A 189 11.94 3.18 -9.11
C VAL A 189 12.57 1.81 -9.30
N TRP A 190 13.32 1.65 -10.38
CA TRP A 190 14.06 0.42 -10.66
C TRP A 190 15.07 0.15 -9.53
N SER A 191 15.83 1.17 -9.17
CA SER A 191 16.85 1.04 -8.12
C SER A 191 16.22 0.76 -6.75
N PHE A 192 15.05 1.34 -6.51
CA PHE A 192 14.32 1.09 -5.28
C PHE A 192 13.89 -0.38 -5.21
N GLY A 193 13.52 -0.93 -6.36
CA GLY A 193 13.16 -2.33 -6.43
C GLY A 193 14.33 -3.25 -6.12
N ILE A 194 15.53 -2.79 -6.47
CA ILE A 194 16.75 -3.52 -6.12
C ILE A 194 17.02 -3.32 -4.63
N LEU A 195 16.75 -2.11 -4.14
CA LEU A 195 16.86 -1.78 -2.73
C LEU A 195 15.99 -2.70 -1.87
N LEU A 196 14.88 -3.15 -2.45
CA LEU A 196 13.99 -4.10 -1.80
C LEU A 196 14.60 -5.50 -1.71
N THR A 197 15.58 -5.79 -2.57
CA THR A 197 16.30 -7.05 -2.47
C THR A 197 17.39 -6.97 -1.40
N GLU A 198 18.03 -5.81 -1.31
CA GLU A 198 19.03 -5.56 -0.26
C GLU A 198 18.42 -5.71 1.12
N LEU A 199 17.23 -5.14 1.30
CA LEU A 199 16.51 -5.22 2.58
C LEU A 199 16.10 -6.65 2.93
N THR A 200 15.40 -7.31 2.02
CA THR A 200 14.89 -8.67 2.25
C THR A 200 15.98 -9.72 2.37
N THR A 201 17.18 -9.40 1.88
CA THR A 201 18.33 -10.29 2.00
C THR A 201 19.29 -9.89 3.12
N LYS A 202 18.90 -8.86 3.88
CA LYS A 202 19.73 -8.33 4.98
C LYS A 202 21.06 -7.77 4.48
N GLY A 203 21.07 -7.21 3.27
CA GLY A 203 22.24 -6.49 2.79
C GLY A 203 23.14 -7.26 1.86
N ARG A 204 22.61 -8.31 1.25
CA ARG A 204 23.36 -9.05 0.24
C ARG A 204 23.46 -8.23 -1.05
N VAL A 205 24.49 -8.48 -1.83
CA VAL A 205 24.67 -7.81 -3.12
C VAL A 205 23.75 -8.45 -4.17
N PRO A 206 22.99 -7.62 -4.91
CA PRO A 206 22.04 -8.11 -5.93
C PRO A 206 22.73 -8.93 -7.01
N TYR A 207 21.99 -9.77 -7.72
CA TYR A 207 22.53 -10.68 -8.72
C TYR A 207 23.77 -11.44 -8.24
N PRO A 208 23.63 -12.21 -7.14
CA PRO A 208 24.79 -12.85 -6.50
C PRO A 208 25.46 -13.87 -7.42
N GLY A 209 26.79 -13.84 -7.47
CA GLY A 209 27.53 -14.72 -8.34
C GLY A 209 27.74 -14.13 -9.73
N MET A 210 26.97 -13.10 -10.07
CA MET A 210 27.07 -12.47 -11.38
C MET A 210 27.96 -11.22 -11.34
N VAL A 211 28.79 -11.08 -12.38
CA VAL A 211 29.60 -9.89 -12.56
C VAL A 211 28.81 -8.84 -13.34
N ASN A 212 29.34 -7.63 -13.44
CA ASN A 212 28.64 -6.53 -14.11
C ASN A 212 28.14 -6.84 -15.52
N ARG A 213 29.04 -7.25 -16.40
CA ARG A 213 28.68 -7.55 -17.79
C ARG A 213 27.74 -8.74 -17.92
N GLU A 214 27.76 -9.62 -16.93
CA GLU A 214 26.85 -10.77 -16.92
C GLU A 214 25.43 -10.28 -16.62
N VAL A 215 25.32 -9.26 -15.77
CA VAL A 215 24.03 -8.68 -15.43
C VAL A 215 23.41 -7.91 -16.59
N LEU A 216 24.21 -7.01 -17.19
CA LEU A 216 23.77 -6.22 -18.34
C LEU A 216 23.18 -7.08 -19.43
N ASP A 217 23.89 -8.15 -19.79
CA ASP A 217 23.48 -9.03 -20.87
C ASP A 217 22.29 -9.91 -20.45
N GLN A 218 22.24 -10.28 -19.18
CA GLN A 218 21.11 -11.06 -18.66
C GLN A 218 19.83 -10.25 -18.53
N VAL A 219 19.92 -9.08 -17.90
CA VAL A 219 18.78 -8.19 -17.69
C VAL A 219 18.17 -7.72 -19.01
N GLU A 220 19.03 -7.48 -20.00
CA GLU A 220 18.59 -7.17 -21.35
C GLU A 220 17.78 -8.32 -21.95
N ARG A 221 18.18 -9.56 -21.66
CA ARG A 221 17.49 -10.73 -22.19
C ARG A 221 16.22 -11.05 -21.40
N GLY A 222 15.90 -10.22 -20.42
CA GLY A 222 14.67 -10.39 -19.66
C GLY A 222 14.85 -10.96 -18.28
N TYR A 223 16.09 -11.22 -17.87
CA TYR A 223 16.36 -11.78 -16.55
C TYR A 223 16.03 -10.80 -15.43
N ARG A 224 15.35 -11.29 -14.41
CA ARG A 224 15.08 -10.54 -13.19
C ARG A 224 15.34 -11.46 -12.01
N MET A 225 15.87 -10.92 -10.91
CA MET A 225 16.11 -11.72 -9.71
C MET A 225 14.85 -12.40 -9.22
N PRO A 226 14.98 -13.64 -8.75
CA PRO A 226 13.81 -14.41 -8.27
C PRO A 226 13.43 -13.95 -6.86
N CYS A 227 12.35 -14.50 -6.33
CA CYS A 227 11.90 -14.17 -4.98
C CYS A 227 12.89 -14.65 -3.92
N PRO A 228 13.47 -13.71 -3.16
CA PRO A 228 14.39 -14.06 -2.07
C PRO A 228 13.73 -14.94 -1.00
N PRO A 229 14.52 -15.79 -0.34
CA PRO A 229 14.04 -16.72 0.70
C PRO A 229 13.13 -16.06 1.74
N GLU A 230 12.05 -16.75 2.10
CA GLU A 230 11.08 -16.29 3.10
C GLU A 230 10.37 -14.97 2.76
N CYS A 231 10.63 -14.43 1.58
CA CYS A 231 9.94 -13.23 1.13
C CYS A 231 8.64 -13.59 0.43
N PRO A 232 7.53 -12.93 0.84
CA PRO A 232 6.25 -13.17 0.16
C PRO A 232 6.33 -12.81 -1.32
N GLU A 233 5.62 -13.56 -2.17
CA GLU A 233 5.63 -13.28 -3.61
C GLU A 233 4.96 -11.94 -3.90
N SER A 234 4.14 -11.48 -2.97
CA SER A 234 3.46 -10.19 -3.10
C SER A 234 4.47 -9.05 -3.04
N LEU A 235 5.52 -9.22 -2.25
CA LEU A 235 6.58 -8.22 -2.15
C LEU A 235 7.52 -8.32 -3.34
N HIS A 236 7.66 -9.52 -3.89
CA HIS A 236 8.51 -9.73 -5.06
C HIS A 236 7.77 -9.34 -6.34
N ASP A 237 6.46 -9.48 -6.34
CA ASP A 237 5.63 -8.99 -7.44
C ASP A 237 5.82 -7.49 -7.56
N LEU A 238 5.93 -6.83 -6.41
CA LEU A 238 6.15 -5.39 -6.39
C LEU A 238 7.51 -5.04 -6.99
N MET A 239 8.53 -5.82 -6.69
CA MET A 239 9.86 -5.63 -7.25
C MET A 239 9.78 -5.72 -8.78
N CYS A 240 9.12 -6.76 -9.25
CA CYS A 240 8.98 -6.99 -10.68
C CYS A 240 8.24 -5.87 -11.40
N GLN A 241 7.45 -5.09 -10.67
CA GLN A 241 6.82 -3.90 -11.24
C GLN A 241 7.85 -2.78 -11.40
N CYS A 242 8.71 -2.63 -10.39
CA CYS A 242 9.79 -1.65 -10.45
C CYS A 242 10.80 -2.00 -11.54
N TRP A 243 10.83 -3.26 -11.92
CA TRP A 243 11.78 -3.73 -12.94
C TRP A 243 11.14 -4.00 -14.29
N ARG A 244 10.13 -3.23 -14.65
CA ARG A 244 9.50 -3.40 -15.96
C ARG A 244 10.39 -2.88 -17.08
N LYS A 245 10.19 -3.40 -18.29
CA LYS A 245 10.97 -2.99 -19.45
C LYS A 245 10.72 -1.51 -19.75
N ASP A 246 9.46 -1.16 -19.90
CA ASP A 246 9.07 0.22 -20.18
C ASP A 246 9.01 1.05 -18.90
N PRO A 247 9.82 2.12 -18.84
CA PRO A 247 9.93 2.98 -17.66
C PRO A 247 8.59 3.59 -17.22
N GLU A 248 7.72 3.86 -18.19
CA GLU A 248 6.42 4.49 -17.91
C GLU A 248 5.42 3.55 -17.21
N GLU A 249 5.61 2.25 -17.35
CA GLU A 249 4.69 1.30 -16.74
C GLU A 249 5.15 0.88 -15.34
N ARG A 250 6.13 1.59 -14.80
CA ARG A 250 6.62 1.33 -13.44
C ARG A 250 5.83 2.15 -12.44
N PRO A 251 5.74 1.66 -11.18
CA PRO A 251 4.99 2.39 -10.15
C PRO A 251 5.65 3.72 -9.79
N THR A 252 4.91 4.54 -9.06
CA THR A 252 5.44 5.78 -8.48
C THR A 252 5.79 5.50 -7.02
N PHE A 253 6.60 6.36 -6.42
CA PHE A 253 6.89 6.20 -4.99
C PHE A 253 5.66 6.54 -4.17
N GLU A 254 4.82 7.44 -4.69
CA GLU A 254 3.52 7.74 -4.12
C GLU A 254 2.71 6.45 -4.00
N TYR A 255 2.77 5.62 -5.04
CA TYR A 255 2.17 4.30 -4.97
C TYR A 255 2.98 3.39 -4.05
N LEU A 256 4.31 3.41 -4.21
CA LEU A 256 5.19 2.54 -3.45
C LEU A 256 5.08 2.74 -1.93
N GLN A 257 5.12 3.99 -1.49
CA GLN A 257 5.03 4.26 -0.04
C GLN A 257 3.64 3.95 0.50
N ALA A 258 2.61 4.13 -0.31
CA ALA A 258 1.27 3.78 0.11
C ALA A 258 1.11 2.26 0.20
N PHE A 259 1.63 1.56 -0.79
CA PHE A 259 1.58 0.10 -0.82
C PHE A 259 2.29 -0.50 0.39
N LEU A 260 3.42 0.09 0.76
CA LEU A 260 4.25 -0.46 1.84
C LEU A 260 3.69 -0.14 3.24
N GLU A 261 3.07 1.02 3.40
CA GLU A 261 2.46 1.38 4.68
C GLU A 261 1.22 0.52 4.97
N ASP A 262 0.47 0.19 3.92
CA ASP A 262 -0.74 -0.61 4.05
C ASP A 262 -0.45 -2.11 3.95
N TYR A 263 0.83 -2.45 3.84
CA TYR A 263 1.24 -3.81 3.47
C TYR A 263 0.63 -4.92 4.34
N PHE A 264 0.84 -4.83 5.65
CA PHE A 264 0.40 -5.90 6.56
C PHE A 264 -1.08 -5.80 6.95
N THR A 265 -1.90 -5.27 6.04
CA THR A 265 -3.33 -5.13 6.26
C THR A 265 -4.09 -5.38 4.96
N SER A 266 -3.56 -4.81 3.87
CA SER A 266 -4.21 -4.87 2.57
C SER A 266 -3.68 -6.01 1.69
N THR A 267 -2.43 -6.40 1.94
CA THR A 267 -1.75 -7.38 1.08
C THR A 267 -1.44 -8.67 1.83
N GLU A 268 -0.73 -8.55 2.95
CA GLU A 268 -0.39 -9.71 3.76
C GLU A 268 -0.87 -9.56 5.21
N PRO A 269 -2.20 -9.60 5.43
CA PRO A 269 -2.68 -9.58 6.82
C PRO A 269 -2.53 -10.97 7.43
N GLN A 270 -2.13 -11.93 6.61
CA GLN A 270 -1.97 -13.31 7.03
C GLN A 270 -0.50 -13.62 7.35
N TYR A 271 0.28 -12.60 7.65
CA TYR A 271 1.73 -12.77 7.82
C TYR A 271 2.15 -13.38 9.14
N GLN A 272 2.87 -14.50 9.06
CA GLN A 272 3.53 -15.08 10.23
C GLN A 272 5.05 -14.94 10.06
N PRO A 273 5.73 -14.54 11.14
CA PRO A 273 7.19 -14.35 11.07
C PRO A 273 7.93 -15.67 10.90
N GLY A 274 8.67 -15.80 9.79
CA GLY A 274 9.46 -17.00 9.55
C GLY A 274 10.70 -17.08 10.41
N GLU A 275 11.75 -17.73 9.90
CA GLU A 275 13.00 -17.89 10.65
C GLU A 275 13.88 -16.64 10.55
N ASN A 276 13.85 -16.00 9.38
CA ASN A 276 14.65 -14.80 9.13
C ASN A 276 13.80 -13.58 8.81
N LEU A 277 12.60 -13.83 8.29
CA LEU A 277 11.69 -12.75 7.89
C LEU A 277 10.28 -12.93 8.46
N ALA B 3 -31.58 -29.71 -7.47
CA ALA B 3 -31.52 -29.11 -8.79
C ALA B 3 -30.25 -28.31 -8.98
N TRP B 4 -29.58 -28.00 -7.87
CA TRP B 4 -28.39 -27.18 -7.88
C TRP B 4 -27.11 -28.02 -7.94
N GLU B 5 -27.27 -29.34 -7.83
CA GLU B 5 -26.13 -30.25 -7.85
C GLU B 5 -25.58 -30.42 -9.27
N ILE B 6 -24.26 -30.55 -9.37
CA ILE B 6 -23.61 -30.77 -10.65
C ILE B 6 -22.50 -31.81 -10.52
N PRO B 7 -22.26 -32.58 -11.59
CA PRO B 7 -21.14 -33.52 -11.65
C PRO B 7 -19.80 -32.83 -11.38
N ARG B 8 -18.82 -33.58 -10.90
CA ARG B 8 -17.51 -33.04 -10.60
C ARG B 8 -16.74 -32.73 -11.88
N GLU B 9 -16.98 -33.54 -12.90
CA GLU B 9 -16.58 -33.18 -14.25
C GLU B 9 -17.39 -31.96 -14.67
N SER B 10 -17.23 -31.51 -15.91
CA SER B 10 -17.86 -30.26 -16.40
C SER B 10 -17.32 -29.00 -15.69
N LEU B 11 -16.70 -29.20 -14.54
CA LEU B 11 -15.99 -28.12 -13.84
C LEU B 11 -14.50 -28.20 -14.13
N ARG B 12 -13.99 -27.35 -15.01
CA ARG B 12 -12.56 -27.29 -15.26
C ARG B 12 -11.91 -26.27 -14.32
N LEU B 13 -10.96 -26.73 -13.52
CA LEU B 13 -10.22 -25.84 -12.62
C LEU B 13 -8.94 -25.36 -13.31
N GLU B 14 -8.86 -24.06 -13.58
CA GLU B 14 -7.80 -23.52 -14.43
C GLU B 14 -6.77 -22.68 -13.69
N VAL B 15 -7.24 -21.61 -13.06
CA VAL B 15 -6.35 -20.69 -12.36
C VAL B 15 -6.66 -20.63 -10.87
N LYS B 16 -5.64 -20.84 -10.04
CA LYS B 16 -5.82 -20.70 -8.59
C LYS B 16 -5.83 -19.22 -8.26
N LEU B 17 -6.79 -18.81 -7.43
CA LEU B 17 -6.92 -17.40 -7.08
C LEU B 17 -6.55 -17.14 -5.62
N GLY B 18 -6.78 -18.13 -4.77
CA GLY B 18 -6.45 -18.00 -3.36
C GLY B 18 -6.51 -19.29 -2.57
N GLN B 19 -5.48 -19.54 -1.77
CA GLN B 19 -5.47 -20.66 -0.83
C GLN B 19 -5.41 -20.14 0.60
N CYS B 21 -7.23 -20.30 5.92
CA CYS B 21 -7.47 -21.07 4.70
C CYS B 21 -7.79 -22.53 5.00
N PHE B 22 -9.07 -22.87 4.92
CA PHE B 22 -9.50 -24.26 4.98
C PHE B 22 -10.10 -24.63 3.63
N GLY B 23 -9.58 -24.00 2.58
CA GLY B 23 -10.07 -24.21 1.23
C GLY B 23 -9.27 -23.45 0.20
N GLU B 24 -9.71 -23.54 -1.05
CA GLU B 24 -9.04 -22.86 -2.16
C GLU B 24 -10.09 -22.16 -3.02
N VAL B 25 -9.68 -21.12 -3.75
CA VAL B 25 -10.58 -20.48 -4.71
C VAL B 25 -9.96 -20.44 -6.10
N TRP B 26 -10.71 -20.92 -7.09
CA TRP B 26 -10.18 -21.02 -8.45
C TRP B 26 -11.01 -20.22 -9.44
N MET B 27 -10.39 -19.84 -10.55
CA MET B 27 -11.12 -19.42 -11.73
C MET B 27 -11.24 -20.68 -12.57
N GLY B 28 -12.33 -20.82 -13.32
CA GLY B 28 -12.53 -22.03 -14.09
C GLY B 28 -13.61 -21.94 -15.15
N THR B 29 -14.02 -23.09 -15.67
CA THR B 29 -15.08 -23.16 -16.66
C THR B 29 -16.17 -24.12 -16.18
N TRP B 30 -17.38 -23.94 -16.71
CA TRP B 30 -18.50 -24.79 -16.38
C TRP B 30 -19.11 -25.28 -17.69
N ASN B 31 -19.10 -26.60 -17.89
CA ASN B 31 -19.53 -27.22 -19.14
C ASN B 31 -18.68 -26.79 -20.34
N GLY B 32 -17.45 -26.38 -20.09
CA GLY B 32 -16.57 -25.89 -21.14
C GLY B 32 -17.17 -24.73 -21.92
N THR B 33 -18.00 -23.94 -21.25
CA THR B 33 -18.66 -22.80 -21.89
C THR B 33 -18.81 -21.61 -20.94
N THR B 34 -19.12 -21.89 -19.68
CA THR B 34 -19.39 -20.83 -18.72
C THR B 34 -18.24 -20.62 -17.75
N ARG B 35 -17.66 -19.43 -17.76
CA ARG B 35 -16.61 -19.09 -16.80
C ARG B 35 -17.25 -18.94 -15.42
N VAL B 36 -16.51 -19.30 -14.38
CA VAL B 36 -17.05 -19.25 -13.02
C VAL B 36 -15.94 -19.18 -11.97
N ALA B 37 -16.33 -18.84 -10.74
CA ALA B 37 -15.41 -18.89 -9.62
C ALA B 37 -15.73 -20.12 -8.77
N ILE B 38 -14.71 -20.92 -8.48
CA ILE B 38 -14.91 -22.16 -7.73
C ILE B 38 -14.26 -22.11 -6.34
N LYS B 39 -15.07 -22.21 -5.29
CA LYS B 39 -14.53 -22.28 -3.94
C LYS B 39 -14.54 -23.72 -3.44
N THR B 40 -13.41 -24.18 -2.92
CA THR B 40 -13.29 -25.53 -2.40
C THR B 40 -13.20 -25.48 -0.88
N LEU B 41 -13.46 -26.60 -0.22
CA LEU B 41 -13.34 -26.68 1.23
C LEU B 41 -12.58 -27.91 1.65
N LYS B 42 -11.70 -27.75 2.63
CA LYS B 42 -11.07 -28.90 3.28
C LYS B 42 -12.10 -29.50 4.23
N PRO B 43 -12.03 -30.82 4.44
CA PRO B 43 -11.13 -31.75 3.76
C PRO B 43 -11.83 -32.46 2.60
N GLU B 54 -23.75 -26.15 8.10
CA GLU B 54 -23.15 -25.53 6.92
C GLU B 54 -24.02 -25.74 5.68
N ALA B 55 -25.27 -25.29 5.75
CA ALA B 55 -26.19 -25.42 4.62
C ALA B 55 -26.80 -24.08 4.22
N GLN B 56 -26.53 -23.65 2.99
CA GLN B 56 -27.08 -22.41 2.46
C GLN B 56 -28.15 -22.74 1.40
N VAL B 57 -29.24 -21.97 1.25
CA VAL B 57 -29.54 -20.61 1.76
C VAL B 57 -28.84 -19.46 1.03
N MET B 58 -27.93 -19.80 0.12
CA MET B 58 -27.41 -18.85 -0.85
C MET B 58 -28.29 -18.92 -2.09
N LYS B 59 -29.32 -19.78 -2.01
CA LYS B 59 -30.23 -20.00 -3.13
C LYS B 59 -31.46 -19.09 -3.01
N LYS B 60 -31.73 -18.63 -1.79
CA LYS B 60 -32.85 -17.74 -1.54
C LYS B 60 -32.46 -16.30 -1.85
N LEU B 61 -31.16 -16.00 -1.73
CA LEU B 61 -30.67 -14.65 -1.99
C LEU B 61 -30.49 -14.40 -3.49
N ARG B 62 -31.27 -13.45 -4.00
CA ARG B 62 -31.24 -13.11 -5.42
C ARG B 62 -31.29 -11.60 -5.58
N HIS B 63 -30.14 -11.00 -5.90
CA HIS B 63 -30.06 -9.56 -6.10
C HIS B 63 -28.96 -9.22 -7.09
N GLU B 64 -29.10 -8.09 -7.77
CA GLU B 64 -28.14 -7.66 -8.79
C GLU B 64 -26.77 -7.36 -8.20
N LYS B 65 -26.75 -6.89 -6.97
CA LYS B 65 -25.49 -6.48 -6.34
C LYS B 65 -24.98 -7.53 -5.35
N LEU B 66 -25.57 -8.71 -5.41
CA LEU B 66 -25.06 -9.87 -4.68
C LEU B 66 -24.44 -10.86 -5.66
N VAL B 67 -23.31 -11.45 -5.28
CA VAL B 67 -22.68 -12.47 -6.12
C VAL B 67 -23.58 -13.70 -6.12
N GLN B 68 -24.07 -14.08 -7.29
CA GLN B 68 -25.04 -15.16 -7.41
C GLN B 68 -24.38 -16.55 -7.29
N LEU B 69 -25.02 -17.43 -6.53
CA LEU B 69 -24.58 -18.82 -6.45
C LEU B 69 -25.10 -19.59 -7.66
N TYR B 70 -24.21 -20.31 -8.34
CA TYR B 70 -24.60 -21.03 -9.55
C TYR B 70 -24.93 -22.50 -9.31
N ALA B 71 -24.04 -23.21 -8.63
CA ALA B 71 -24.19 -24.64 -8.39
C ALA B 71 -23.33 -25.08 -7.22
N VAL B 72 -23.59 -26.28 -6.73
CA VAL B 72 -22.83 -26.83 -5.61
C VAL B 72 -22.45 -28.29 -5.85
N VAL B 73 -21.51 -28.78 -5.04
CA VAL B 73 -21.24 -30.21 -4.95
C VAL B 73 -21.33 -30.56 -3.46
N SER B 74 -22.42 -31.21 -3.09
CA SER B 74 -22.81 -31.36 -1.68
C SER B 74 -21.94 -32.31 -0.87
N GLU B 75 -21.43 -33.37 -1.51
CA GLU B 75 -20.59 -34.35 -0.83
C GLU B 75 -19.13 -33.91 -0.83
N GLU B 76 -18.40 -34.30 0.22
CA GLU B 76 -16.98 -33.98 0.35
C GLU B 76 -16.15 -34.69 -0.73
N PRO B 77 -15.14 -34.01 -1.28
CA PRO B 77 -14.83 -32.59 -1.01
C PRO B 77 -15.83 -31.64 -1.66
N ILE B 78 -16.36 -30.72 -0.86
CA ILE B 78 -17.41 -29.79 -1.30
C ILE B 78 -16.88 -28.74 -2.29
N TYR B 79 -17.68 -28.45 -3.32
CA TYR B 79 -17.34 -27.40 -4.28
C TYR B 79 -18.46 -26.37 -4.39
N ILE B 80 -18.10 -25.09 -4.28
CA ILE B 80 -19.08 -24.01 -4.42
C ILE B 80 -18.82 -23.22 -5.70
N VAL B 81 -19.77 -23.28 -6.64
CA VAL B 81 -19.63 -22.57 -7.91
C VAL B 81 -20.53 -21.34 -7.91
N GLY B 82 -19.96 -20.20 -8.28
CA GLY B 82 -20.71 -18.95 -8.31
C GLY B 82 -20.28 -18.03 -9.43
N GLU B 83 -20.85 -16.82 -9.44
CA GLU B 83 -20.56 -15.82 -10.46
C GLU B 83 -19.11 -15.37 -10.38
N TYR B 84 -18.43 -15.33 -11.51
CA TYR B 84 -17.05 -14.87 -11.55
C TYR B 84 -16.97 -13.36 -11.70
N MET B 85 -16.16 -12.73 -10.84
CA MET B 85 -15.91 -11.30 -10.93
C MET B 85 -14.47 -11.08 -11.37
N SER B 86 -14.29 -10.55 -12.57
CA SER B 86 -12.97 -10.48 -13.21
C SER B 86 -11.91 -9.65 -12.49
N LYS B 87 -12.34 -8.75 -11.60
CA LYS B 87 -11.40 -7.81 -10.98
C LYS B 87 -11.00 -8.15 -9.54
N GLY B 88 -11.50 -9.26 -9.00
CA GLY B 88 -11.20 -9.62 -7.63
C GLY B 88 -11.81 -8.65 -6.64
N SER B 89 -11.18 -8.48 -5.47
CA SER B 89 -11.69 -7.56 -4.45
C SER B 89 -11.64 -6.10 -4.88
N LEU B 90 -12.51 -5.29 -4.28
CA LEU B 90 -12.56 -3.85 -4.55
C LEU B 90 -11.27 -3.17 -4.10
N LEU B 91 -10.69 -3.70 -3.02
CA LEU B 91 -9.45 -3.18 -2.45
C LEU B 91 -8.27 -3.35 -3.40
N ASP B 92 -8.18 -4.51 -4.05
CA ASP B 92 -7.11 -4.76 -5.02
C ASP B 92 -7.32 -3.91 -6.28
N PHE B 93 -8.58 -3.71 -6.64
CA PHE B 93 -8.94 -2.92 -7.81
C PHE B 93 -8.57 -1.45 -7.63
N LEU B 94 -8.73 -0.95 -6.40
CA LEU B 94 -8.39 0.44 -6.08
C LEU B 94 -6.88 0.63 -5.96
N LYS B 95 -6.19 -0.45 -5.59
CA LYS B 95 -4.74 -0.42 -5.43
C LYS B 95 -4.04 -0.82 -6.73
N GLY B 96 -4.83 -1.03 -7.78
CA GLY B 96 -4.29 -1.40 -9.07
C GLY B 96 -4.00 -0.19 -9.95
N GLU B 97 -3.87 -0.45 -11.26
CA GLU B 97 -3.56 0.61 -12.23
C GLU B 97 -4.78 1.45 -12.58
N MET B 98 -5.95 1.05 -12.07
CA MET B 98 -7.19 1.78 -12.33
C MET B 98 -7.39 2.91 -11.32
N GLY B 99 -6.82 2.74 -10.12
CA GLY B 99 -6.97 3.71 -9.05
C GLY B 99 -6.64 5.15 -9.41
N LYS B 100 -5.67 5.33 -10.31
CA LYS B 100 -5.26 6.67 -10.72
C LYS B 100 -6.24 7.29 -11.73
N TYR B 101 -7.10 6.45 -12.31
CA TYR B 101 -8.03 6.93 -13.33
C TYR B 101 -9.42 7.18 -12.75
N LEU B 102 -9.74 6.48 -11.66
CA LEU B 102 -11.04 6.65 -11.00
C LEU B 102 -11.17 8.03 -10.36
N ARG B 103 -12.31 8.70 -10.60
CA ARG B 103 -12.62 9.94 -9.90
C ARG B 103 -13.91 9.75 -9.10
N LEU B 104 -14.36 10.82 -8.45
CA LEU B 104 -15.57 10.76 -7.62
C LEU B 104 -16.81 10.15 -8.30
N PRO B 105 -17.10 10.52 -9.56
CA PRO B 105 -18.28 9.92 -10.19
C PRO B 105 -18.21 8.40 -10.33
N GLN B 106 -17.01 7.86 -10.47
CA GLN B 106 -16.85 6.40 -10.53
C GLN B 106 -16.99 5.77 -9.15
N LEU B 107 -16.41 6.41 -8.14
CA LEU B 107 -16.42 5.87 -6.77
C LEU B 107 -17.82 5.91 -6.14
N VAL B 108 -18.53 7.03 -6.32
CA VAL B 108 -19.89 7.17 -5.82
C VAL B 108 -20.81 6.13 -6.48
N ASP B 109 -20.57 5.87 -7.77
CA ASP B 109 -21.32 4.84 -8.49
C ASP B 109 -21.09 3.48 -7.85
N MET B 110 -19.83 3.17 -7.55
CA MET B 110 -19.50 1.89 -6.92
C MET B 110 -20.05 1.82 -5.50
N ALA B 111 -20.01 2.93 -4.77
CA ALA B 111 -20.52 3.01 -3.41
C ALA B 111 -22.03 2.80 -3.39
N ALA B 112 -22.70 3.23 -4.46
CA ALA B 112 -24.15 3.11 -4.56
C ALA B 112 -24.60 1.68 -4.83
N GLN B 113 -23.83 0.94 -5.63
CA GLN B 113 -24.14 -0.46 -5.91
C GLN B 113 -23.96 -1.31 -4.67
N ILE B 114 -22.95 -0.98 -3.86
CA ILE B 114 -22.71 -1.69 -2.60
C ILE B 114 -23.85 -1.43 -1.61
N ALA B 115 -24.31 -0.18 -1.56
CA ALA B 115 -25.46 0.17 -0.73
C ALA B 115 -26.74 -0.48 -1.26
N SER B 116 -26.87 -0.56 -2.59
CA SER B 116 -28.01 -1.20 -3.23
C SER B 116 -28.12 -2.68 -2.84
N GLY B 117 -26.97 -3.34 -2.71
CA GLY B 117 -26.94 -4.74 -2.36
C GLY B 117 -27.05 -4.96 -0.86
N MET B 118 -26.68 -3.93 -0.09
CA MET B 118 -26.79 -4.01 1.36
C MET B 118 -28.18 -3.58 1.84
N ALA B 119 -28.90 -2.86 0.99
CA ALA B 119 -30.27 -2.50 1.29
C ALA B 119 -31.16 -3.71 1.07
N TYR B 120 -30.74 -4.59 0.17
CA TYR B 120 -31.40 -5.88 0.00
C TYR B 120 -31.18 -6.73 1.26
N VAL B 121 -29.92 -6.87 1.67
CA VAL B 121 -29.56 -7.54 2.91
C VAL B 121 -30.35 -6.99 4.10
N GLU B 122 -30.45 -5.66 4.15
CA GLU B 122 -31.18 -4.97 5.20
C GLU B 122 -32.66 -5.35 5.19
N ARG B 123 -33.31 -5.20 4.03
CA ARG B 123 -34.73 -5.48 3.91
C ARG B 123 -35.02 -6.98 3.92
N MET B 124 -33.98 -7.78 3.77
CA MET B 124 -34.13 -9.22 3.90
C MET B 124 -33.77 -9.64 5.32
N ASN B 125 -33.62 -8.64 6.19
CA ASN B 125 -33.37 -8.83 7.61
C ASN B 125 -32.11 -9.65 7.91
N TYR B 126 -31.05 -9.44 7.13
CA TYR B 126 -29.78 -10.11 7.38
C TYR B 126 -28.68 -9.14 7.84
N VAL B 127 -27.55 -9.70 8.25
CA VAL B 127 -26.43 -8.90 8.76
C VAL B 127 -25.10 -9.37 8.16
N HIS B 128 -24.42 -8.46 7.46
CA HIS B 128 -23.09 -8.73 6.91
C HIS B 128 -22.07 -8.25 7.93
N ARG B 129 -21.50 -9.20 8.67
CA ARG B 129 -20.67 -8.84 9.83
C ARG B 129 -19.26 -8.31 9.52
N ASP B 130 -18.88 -8.31 8.25
CA ASP B 130 -17.57 -7.80 7.86
C ASP B 130 -17.64 -7.00 6.56
N LEU B 131 -18.28 -5.83 6.61
CA LEU B 131 -18.41 -4.99 5.42
C LEU B 131 -17.20 -4.09 5.18
N ARG B 132 -16.39 -4.46 4.19
CA ARG B 132 -15.22 -3.66 3.79
C ARG B 132 -14.77 -3.98 2.36
N ALA B 133 -13.84 -3.20 1.84
CA ALA B 133 -13.45 -3.28 0.42
C ALA B 133 -12.91 -4.66 -0.01
N ALA B 134 -12.19 -5.32 0.88
CA ALA B 134 -11.66 -6.66 0.58
C ALA B 134 -12.79 -7.67 0.33
N ASN B 135 -13.97 -7.38 0.85
CA ASN B 135 -15.13 -8.26 0.69
C ASN B 135 -16.08 -7.84 -0.44
N ILE B 136 -15.79 -6.72 -1.09
CA ILE B 136 -16.56 -6.31 -2.26
C ILE B 136 -15.85 -6.78 -3.52
N LEU B 137 -16.59 -7.36 -4.46
CA LEU B 137 -16.00 -7.88 -5.70
C LEU B 137 -16.37 -7.00 -6.89
N VAL B 138 -15.43 -6.83 -7.82
CA VAL B 138 -15.62 -5.95 -8.97
C VAL B 138 -15.56 -6.74 -10.28
N GLY B 139 -16.29 -6.27 -11.28
CA GLY B 139 -16.29 -6.91 -12.59
C GLY B 139 -16.08 -5.93 -13.71
N GLU B 140 -16.70 -6.19 -14.86
CA GLU B 140 -16.61 -5.29 -16.01
C GLU B 140 -17.62 -4.16 -15.88
N ASN B 141 -17.30 -3.00 -16.47
CA ASN B 141 -18.13 -1.80 -16.36
C ASN B 141 -18.33 -1.31 -14.94
N LEU B 142 -17.28 -1.42 -14.12
CA LEU B 142 -17.33 -0.98 -12.72
C LEU B 142 -18.50 -1.59 -11.94
N VAL B 143 -18.80 -2.86 -12.17
CA VAL B 143 -19.85 -3.53 -11.42
C VAL B 143 -19.31 -4.08 -10.11
N CYS B 144 -19.81 -3.55 -8.99
CA CYS B 144 -19.37 -4.02 -7.67
C CYS B 144 -20.48 -4.84 -7.01
N LYS B 145 -20.10 -5.92 -6.34
CA LYS B 145 -21.09 -6.77 -5.68
C LYS B 145 -20.66 -7.24 -4.28
N VAL B 146 -21.66 -7.48 -3.44
CA VAL B 146 -21.43 -8.08 -2.13
C VAL B 146 -21.34 -9.60 -2.29
N ALA B 147 -20.34 -10.19 -1.64
CA ALA B 147 -20.03 -11.62 -1.82
C ALA B 147 -20.83 -12.55 -0.92
N ASP B 148 -20.23 -13.68 -0.59
CA ASP B 148 -20.82 -14.66 0.32
C ASP B 148 -20.44 -14.39 1.76
N PHE B 149 -21.08 -13.40 2.36
CA PHE B 149 -20.72 -12.98 3.72
C PHE B 149 -20.88 -14.07 4.78
N GLY B 150 -21.44 -15.21 4.39
CA GLY B 150 -21.51 -16.37 5.25
C GLY B 150 -20.83 -17.58 4.63
N LEU B 151 -19.55 -17.78 4.95
CA LEU B 151 -18.78 -16.86 5.79
C LEU B 151 -17.46 -16.51 5.10
N PRO B 169 -9.88 -6.38 12.22
CA PRO B 169 -11.13 -5.89 11.61
C PRO B 169 -11.75 -4.79 12.46
N ILE B 170 -11.04 -4.39 13.51
CA ILE B 170 -11.54 -3.39 14.46
C ILE B 170 -11.76 -2.02 13.80
N LYS B 171 -10.86 -1.66 12.88
CA LYS B 171 -10.95 -0.38 12.17
C LYS B 171 -12.23 -0.22 11.35
N TRP B 172 -12.85 -1.34 11.02
CA TRP B 172 -14.08 -1.33 10.24
C TRP B 172 -15.31 -1.63 11.10
N THR B 173 -15.08 -2.05 12.34
CA THR B 173 -16.16 -2.50 13.20
C THR B 173 -16.71 -1.40 14.10
N ALA B 174 -18.04 -1.34 14.21
CA ALA B 174 -18.71 -0.38 15.09
C ALA B 174 -18.42 -0.67 16.55
N PRO B 175 -18.26 0.39 17.37
CA PRO B 175 -17.95 0.29 18.80
C PRO B 175 -18.89 -0.63 19.58
N GLU B 176 -20.19 -0.60 19.29
CA GLU B 176 -21.14 -1.47 19.95
C GLU B 176 -20.90 -2.95 19.62
N ALA B 177 -20.33 -3.21 18.44
CA ALA B 177 -20.06 -4.56 18.00
C ALA B 177 -18.69 -5.04 18.45
N ALA B 178 -17.71 -4.15 18.41
CA ALA B 178 -16.34 -4.51 18.79
C ALA B 178 -16.17 -4.62 20.30
N LEU B 179 -17.07 -4.00 21.05
CA LEU B 179 -16.97 -4.01 22.52
C LEU B 179 -18.02 -4.91 23.18
N TYR B 180 -19.23 -4.93 22.63
CA TYR B 180 -20.34 -5.60 23.30
C TYR B 180 -20.98 -6.69 22.44
N GLY B 181 -20.55 -6.78 21.18
CA GLY B 181 -21.02 -7.84 20.29
C GLY B 181 -22.35 -7.53 19.65
N ARG B 182 -22.78 -6.28 19.74
CA ARG B 182 -24.04 -5.86 19.15
C ARG B 182 -23.91 -5.66 17.64
N PHE B 183 -23.69 -6.76 16.93
CA PHE B 183 -23.62 -6.74 15.48
C PHE B 183 -25.02 -6.63 14.88
N THR B 184 -25.32 -5.48 14.29
CA THR B 184 -26.60 -5.25 13.63
C THR B 184 -26.40 -4.66 12.24
N ILE B 185 -27.50 -4.46 11.52
CA ILE B 185 -27.46 -3.86 10.19
C ILE B 185 -26.91 -2.43 10.27
N LYS B 186 -26.97 -1.84 11.47
CA LYS B 186 -26.50 -0.48 11.69
C LYS B 186 -25.02 -0.47 12.05
N SER B 187 -24.50 -1.64 12.42
CA SER B 187 -23.06 -1.80 12.59
C SER B 187 -22.40 -2.05 11.24
N ASP B 188 -23.23 -2.30 10.23
CA ASP B 188 -22.75 -2.42 8.85
C ASP B 188 -22.71 -1.03 8.21
N VAL B 189 -23.70 -0.20 8.54
CA VAL B 189 -23.73 1.18 8.11
C VAL B 189 -22.45 1.88 8.54
N TRP B 190 -22.01 1.59 9.76
CA TRP B 190 -20.75 2.11 10.29
C TRP B 190 -19.58 1.72 9.39
N SER B 191 -19.49 0.44 9.08
CA SER B 191 -18.42 -0.08 8.24
C SER B 191 -18.48 0.48 6.82
N PHE B 192 -19.70 0.68 6.32
CA PHE B 192 -19.91 1.27 5.00
C PHE B 192 -19.29 2.66 4.95
N GLY B 193 -19.41 3.38 6.06
CA GLY B 193 -18.80 4.71 6.15
C GLY B 193 -17.29 4.63 6.06
N ILE B 194 -16.71 3.61 6.69
CA ILE B 194 -15.28 3.37 6.56
C ILE B 194 -14.96 2.98 5.13
N LEU B 195 -15.87 2.23 4.50
CA LEU B 195 -15.72 1.83 3.10
C LEU B 195 -15.72 3.05 2.17
N LEU B 196 -16.46 4.09 2.57
CA LEU B 196 -16.45 5.35 1.84
C LEU B 196 -15.08 6.03 1.94
N THR B 197 -14.36 5.77 3.03
CA THR B 197 -13.00 6.30 3.16
C THR B 197 -12.04 5.54 2.26
N GLU B 198 -12.14 4.21 2.26
CA GLU B 198 -11.35 3.36 1.37
C GLU B 198 -11.51 3.78 -0.09
N LEU B 199 -12.76 3.94 -0.52
CA LEU B 199 -13.06 4.34 -1.89
C LEU B 199 -12.48 5.71 -2.25
N THR B 200 -12.69 6.67 -1.36
CA THR B 200 -12.25 8.05 -1.60
C THR B 200 -10.74 8.23 -1.42
N THR B 201 -10.09 7.27 -0.76
CA THR B 201 -8.64 7.30 -0.58
C THR B 201 -7.94 6.30 -1.50
N LYS B 202 -8.72 5.71 -2.41
CA LYS B 202 -8.21 4.72 -3.36
C LYS B 202 -7.60 3.49 -2.68
N GLY B 203 -8.19 3.08 -1.56
CA GLY B 203 -7.83 1.81 -0.94
C GLY B 203 -6.87 1.89 0.24
N ARG B 204 -6.65 3.08 0.76
CA ARG B 204 -5.79 3.23 1.94
C ARG B 204 -6.43 2.60 3.18
N VAL B 205 -5.62 2.29 4.19
CA VAL B 205 -6.13 1.78 5.47
C VAL B 205 -6.63 2.96 6.30
N PRO B 206 -7.85 2.84 6.87
CA PRO B 206 -8.43 3.89 7.72
C PRO B 206 -7.63 4.13 8.99
N TYR B 207 -7.79 5.30 9.61
CA TYR B 207 -7.03 5.70 10.79
C TYR B 207 -5.52 5.54 10.59
N PRO B 208 -4.95 6.25 9.59
CA PRO B 208 -3.55 6.04 9.20
C PRO B 208 -2.56 6.36 10.32
N GLY B 209 -1.63 5.43 10.56
CA GLY B 209 -0.65 5.60 11.62
C GLY B 209 -1.16 5.11 12.97
N MET B 210 -2.45 4.83 13.06
CA MET B 210 -3.04 4.35 14.30
C MET B 210 -3.08 2.82 14.37
N VAL B 211 -2.81 2.28 15.55
CA VAL B 211 -2.94 0.84 15.78
C VAL B 211 -4.33 0.54 16.36
N ASN B 212 -4.76 -0.72 16.25
CA ASN B 212 -6.12 -1.10 16.61
C ASN B 212 -6.57 -0.64 18.01
N ARG B 213 -5.62 -0.44 18.91
CA ARG B 213 -5.95 -0.10 20.29
C ARG B 213 -6.14 1.40 20.52
N GLU B 214 -5.43 2.24 19.78
CA GLU B 214 -5.67 3.68 19.88
C GLU B 214 -6.88 4.09 19.03
N VAL B 215 -7.12 3.37 17.95
CA VAL B 215 -8.36 3.52 17.19
C VAL B 215 -9.53 3.32 18.14
N LEU B 216 -9.50 2.17 18.82
CA LEU B 216 -10.50 1.81 19.81
C LEU B 216 -10.60 2.84 20.93
N ASP B 217 -9.47 3.40 21.34
CA ASP B 217 -9.44 4.40 22.41
C ASP B 217 -9.89 5.77 21.91
N GLN B 218 -9.55 6.10 20.67
CA GLN B 218 -9.94 7.39 20.09
C GLN B 218 -11.42 7.47 19.72
N VAL B 219 -11.90 6.50 18.94
CA VAL B 219 -13.29 6.48 18.47
C VAL B 219 -14.29 6.51 19.63
N GLU B 220 -13.91 5.89 20.75
CA GLU B 220 -14.68 5.99 21.98
C GLU B 220 -14.81 7.44 22.45
N ARG B 221 -13.71 8.18 22.39
CA ARG B 221 -13.69 9.56 22.89
C ARG B 221 -14.25 10.58 21.91
N GLY B 222 -14.93 10.09 20.87
CA GLY B 222 -15.58 10.98 19.91
C GLY B 222 -14.76 11.21 18.66
N TYR B 223 -13.57 10.63 18.59
CA TYR B 223 -12.73 10.79 17.41
C TYR B 223 -13.34 10.13 16.17
N ARG B 224 -13.31 10.87 15.06
CA ARG B 224 -13.73 10.37 13.77
C ARG B 224 -12.70 10.82 12.74
N MET B 225 -12.54 10.05 11.66
CA MET B 225 -11.61 10.42 10.59
C MET B 225 -12.05 11.73 9.94
N PRO B 226 -11.07 12.59 9.60
CA PRO B 226 -11.36 13.87 8.94
C PRO B 226 -11.74 13.64 7.48
N CYS B 227 -11.95 14.72 6.74
CA CYS B 227 -12.28 14.63 5.33
C CYS B 227 -11.03 14.32 4.52
N PRO B 228 -11.02 13.16 3.81
CA PRO B 228 -9.90 12.84 2.93
C PRO B 228 -9.68 13.93 1.88
N PRO B 229 -8.42 14.15 1.46
CA PRO B 229 -8.05 15.17 0.48
C PRO B 229 -8.91 15.19 -0.79
N GLU B 230 -9.28 16.38 -1.24
CA GLU B 230 -10.10 16.59 -2.45
C GLU B 230 -11.54 16.09 -2.36
N CYS B 231 -11.86 15.31 -1.33
CA CYS B 231 -13.23 14.84 -1.12
C CYS B 231 -14.11 15.98 -0.62
N PRO B 232 -15.29 16.14 -1.22
CA PRO B 232 -16.25 17.17 -0.77
C PRO B 232 -16.66 16.93 0.69
N GLU B 233 -17.14 17.98 1.37
CA GLU B 233 -17.54 17.84 2.77
C GLU B 233 -18.90 17.15 2.88
N SER B 234 -19.71 17.27 1.84
CA SER B 234 -21.03 16.66 1.78
C SER B 234 -20.93 15.13 1.82
N LEU B 235 -19.83 14.60 1.29
CA LEU B 235 -19.59 13.16 1.30
C LEU B 235 -19.03 12.72 2.66
N HIS B 236 -18.20 13.58 3.27
CA HIS B 236 -17.67 13.31 4.59
C HIS B 236 -18.75 13.43 5.66
N ASP B 237 -19.64 14.40 5.49
CA ASP B 237 -20.79 14.58 6.37
C ASP B 237 -21.63 13.31 6.38
N LEU B 238 -21.71 12.65 5.22
CA LEU B 238 -22.45 11.40 5.11
C LEU B 238 -21.75 10.27 5.86
N MET B 239 -20.41 10.27 5.83
CA MET B 239 -19.64 9.29 6.58
C MET B 239 -19.94 9.42 8.07
N CYS B 240 -19.94 10.66 8.55
CA CYS B 240 -20.21 10.94 9.95
C CYS B 240 -21.60 10.47 10.41
N GLN B 241 -22.57 10.48 9.50
CA GLN B 241 -23.90 9.94 9.80
C GLN B 241 -23.84 8.43 9.99
N CYS B 242 -22.97 7.78 9.22
CA CYS B 242 -22.75 6.35 9.38
C CYS B 242 -21.92 6.08 10.63
N TRP B 243 -21.26 7.11 11.14
CA TRP B 243 -20.40 6.97 12.31
C TRP B 243 -21.01 7.58 13.57
N ARG B 244 -22.33 7.56 13.66
CA ARG B 244 -22.98 8.08 14.86
C ARG B 244 -22.79 7.11 16.02
N LYS B 245 -22.58 7.66 17.21
CA LYS B 245 -22.36 6.85 18.41
C LYS B 245 -23.57 5.98 18.70
N ASP B 246 -24.75 6.55 18.46
CA ASP B 246 -26.00 5.83 18.63
C ASP B 246 -26.45 5.18 17.32
N PRO B 247 -26.41 3.83 17.28
CA PRO B 247 -26.65 3.00 16.08
C PRO B 247 -28.00 3.21 15.42
N GLU B 248 -29.02 3.65 16.17
CA GLU B 248 -30.35 3.84 15.60
C GLU B 248 -30.50 5.15 14.83
N GLU B 249 -29.61 6.10 15.10
CA GLU B 249 -29.66 7.40 14.42
C GLU B 249 -28.93 7.34 13.08
N ARG B 250 -28.36 6.18 12.78
CA ARG B 250 -27.65 5.96 11.51
C ARG B 250 -28.63 5.67 10.39
N PRO B 251 -28.27 6.05 9.15
CA PRO B 251 -29.19 5.88 8.02
C PRO B 251 -29.32 4.42 7.59
N THR B 252 -30.41 4.09 6.90
CA THR B 252 -30.55 2.79 6.25
C THR B 252 -29.70 2.80 4.99
N PHE B 253 -29.45 1.63 4.43
CA PHE B 253 -28.77 1.56 3.14
C PHE B 253 -29.71 2.05 2.05
N GLU B 254 -31.01 1.96 2.31
CA GLU B 254 -32.04 2.49 1.42
C GLU B 254 -31.83 3.99 1.23
N TYR B 255 -31.53 4.70 2.31
CA TYR B 255 -31.22 6.12 2.24
C TYR B 255 -29.88 6.34 1.52
N LEU B 256 -28.83 5.71 2.04
CA LEU B 256 -27.48 5.83 1.48
C LEU B 256 -27.46 5.61 -0.04
N GLN B 257 -28.16 4.57 -0.49
CA GLN B 257 -28.24 4.28 -1.91
C GLN B 257 -28.92 5.42 -2.67
N ALA B 258 -30.05 5.89 -2.14
CA ALA B 258 -30.76 7.00 -2.77
C ALA B 258 -29.91 8.27 -2.79
N PHE B 259 -29.14 8.50 -1.72
CA PHE B 259 -28.31 9.69 -1.60
C PHE B 259 -27.20 9.73 -2.65
N LEU B 260 -26.60 8.57 -2.91
CA LEU B 260 -25.46 8.49 -3.81
C LEU B 260 -25.88 8.47 -5.29
N GLU B 261 -27.02 7.86 -5.59
CA GLU B 261 -27.56 7.84 -6.95
C GLU B 261 -27.95 9.24 -7.40
N ASP B 262 -28.38 10.07 -6.44
CA ASP B 262 -28.80 11.44 -6.73
C ASP B 262 -27.64 12.43 -6.53
N TYR B 263 -26.51 11.92 -6.09
CA TYR B 263 -25.40 12.75 -5.59
C TYR B 263 -25.02 13.96 -6.46
N PHE B 264 -24.72 13.72 -7.73
CA PHE B 264 -24.24 14.79 -8.60
C PHE B 264 -25.34 15.64 -9.23
N THR B 265 -26.47 15.75 -8.53
CA THR B 265 -27.56 16.63 -8.93
C THR B 265 -28.13 17.31 -7.70
N SER B 266 -28.59 16.50 -6.75
CA SER B 266 -29.19 17.00 -5.52
C SER B 266 -28.18 17.64 -4.57
N THR B 267 -26.96 17.09 -4.53
CA THR B 267 -25.97 17.50 -3.55
C THR B 267 -24.81 18.30 -4.15
N GLU B 268 -24.15 17.73 -5.15
CA GLU B 268 -22.99 18.38 -5.78
C GLU B 268 -23.14 18.50 -7.29
N PRO B 269 -24.00 19.43 -7.75
CA PRO B 269 -24.15 19.61 -9.20
C PRO B 269 -23.04 20.47 -9.80
N GLN B 270 -22.42 21.30 -8.98
CA GLN B 270 -21.31 22.12 -9.43
C GLN B 270 -19.98 21.43 -9.11
N TYR B 271 -19.90 20.13 -9.35
CA TYR B 271 -18.68 19.37 -9.08
C TYR B 271 -17.69 19.45 -10.24
N GLN B 272 -16.44 19.80 -9.91
CA GLN B 272 -15.36 19.81 -10.89
C GLN B 272 -14.38 18.68 -10.57
N PRO B 273 -14.02 17.88 -11.58
CA PRO B 273 -13.03 16.82 -11.36
C PRO B 273 -11.65 17.41 -11.07
N GLY B 274 -11.07 17.05 -9.93
CA GLY B 274 -9.76 17.54 -9.55
C GLY B 274 -8.60 16.69 -10.05
N GLU B 275 -7.46 16.78 -9.37
CA GLU B 275 -6.26 16.04 -9.77
C GLU B 275 -6.36 14.55 -9.42
N ASN B 276 -7.13 14.22 -8.39
CA ASN B 276 -7.30 12.85 -7.95
C ASN B 276 -8.76 12.42 -7.81
N LEU B 277 -9.61 13.37 -7.42
CA LEU B 277 -11.03 13.09 -7.21
C LEU B 277 -11.95 13.95 -8.07
N1 0JN C . 25.45 11.20 9.57
C2 0JN C . 26.27 10.17 9.96
N3 0JN C . 27.12 9.59 9.10
C4 0JN C . 27.23 10.01 7.80
C5 0JN C . 26.39 11.08 7.36
C6 0JN C . 25.49 11.68 8.29
CAA 0JN C . 29.83 8.55 5.50
CAB 0JN C . 29.96 8.66 7.89
CAE 0JN C . 23.83 16.85 4.11
CAF 0JN C . 23.59 15.55 3.69
CAG 0JN C . 27.75 15.35 6.68
CAH 0JN C . 27.54 14.05 6.27
CAI 0JN C . 24.93 17.14 4.96
CAJ 0JN C . 26.87 16.39 6.24
CAR 0JN C . 26.42 13.75 5.39
CAS 0JN C . 26.76 11.26 5.93
CAT 0JN C . 25.76 16.10 5.37
NAX 0JN C . 28.00 9.61 6.74
CAY 0JN C . 29.03 8.49 6.75
CAC 0JN C . 28.32 7.13 6.85
NAP 0JN C . 27.72 10.35 5.63
NAD 0JN C . 24.61 12.76 7.94
CAM 0JN C . 26.18 12.26 4.94
CAU 0JN C . 25.53 14.81 4.95
CAK 0JN C . 24.39 14.53 4.07
N1 0JN D . -15.11 -14.15 -8.47
C2 0JN D . -13.75 -13.90 -8.53
N3 0JN D . -12.98 -13.98 -7.42
C4 0JN D . -13.52 -14.33 -6.19
C5 0JN D . -14.91 -14.60 -6.10
C6 0JN D . -15.70 -14.49 -7.29
CAA 0JN D . -11.16 -12.88 -4.67
CAB 0JN D . -11.35 -14.75 -3.14
CAE 0JN D . -21.07 -17.72 -4.39
CAF 0JN D . -20.67 -16.47 -3.91
CAG 0JN D . -16.41 -18.85 -5.52
CAH 0JN D . -15.99 -17.63 -5.06
CAI 0JN D . -20.11 -18.62 -4.90
CAJ 0JN D . -17.80 -19.19 -5.47
CAR 0JN D . -16.97 -16.68 -4.52
CAS 0JN D . -15.14 -14.92 -4.68
CAT 0JN D . -18.77 -18.25 -4.93
NAX 0JN D . -12.99 -14.50 -4.93
CAY 0JN D . -11.53 -14.31 -4.55
CAC 0JN D . -10.63 -15.15 -5.47
NAP 0JN D . -13.96 -14.85 -4.04
NAD 0JN D . -17.12 -14.75 -7.28
CAM 0JN D . -16.45 -15.29 -4.01
CAU 0JN D . -18.38 -17.02 -4.47
CAK 0JN D . -19.38 -16.09 -3.94
#